data_7R6Z
#
_entry.id   7R6Z
#
_cell.length_a   121.808
_cell.length_b   121.808
_cell.length_c   160.462
_cell.angle_alpha   90.000
_cell.angle_beta   90.000
_cell.angle_gamma   120.000
#
_symmetry.space_group_name_H-M   'P 65 2 2'
#
loop_
_entity.id
_entity.type
_entity.pdbx_description
1 polymer Beta-lactamase
2 non-polymer '4-amino-5-hydroxynaphthalene-2,7-disulfonic acid'
3 non-polymer 1,2-ETHANEDIOL
4 non-polymer 'DIMETHYL SULFOXIDE'
5 non-polymer 'CHLORIDE ION'
6 water water
#
_entity_poly.entity_id   1
_entity_poly.type   'polypeptide(L)'
_entity_poly.pdbx_seq_one_letter_code
;GHMWQENKSWNAHFTEHKSQGVVVLWNENKQQGFTNNLKRANQAFLPASTF(KCX)IPNSLIALDLGVVKDEHQVFKWDG
QTRDIATWNRDHNLITAMKYSVVPVYQEFARQIGEARMSKMLHAFDYGNEDISGNVDSFWLDGGIRISATEQISFLRKLY
HNKLHVSERSQRIVKQAMLTEANGDYIIRAKTGYSTRIEPKIGWWVGWVELDDNVWFFAMNMDMPTSDGLGLRQAITKEV
LKQEKIIP
;
_entity_poly.pdbx_strand_id   A,B
#
loop_
_chem_comp.id
_chem_comp.type
_chem_comp.name
_chem_comp.formula
3I0 non-polymer '4-amino-5-hydroxynaphthalene-2,7-disulfonic acid' 'C10 H9 N O7 S2'
CL non-polymer 'CHLORIDE ION' 'Cl -1'
DMS non-polymer 'DIMETHYL SULFOXIDE' 'C2 H6 O S'
EDO non-polymer 1,2-ETHANEDIOL 'C2 H6 O2'
#
# COMPACT_ATOMS: atom_id res chain seq x y z
N MET A 3 -30.36 -4.47 1.49
CA MET A 3 -29.19 -3.66 1.80
C MET A 3 -28.37 -4.29 2.91
N TRP A 4 -29.06 -4.85 3.91
CA TRP A 4 -28.41 -5.53 5.02
C TRP A 4 -29.01 -6.92 5.19
N GLN A 5 -28.14 -7.90 5.43
CA GLN A 5 -28.57 -9.29 5.57
C GLN A 5 -27.80 -9.94 6.71
N GLU A 6 -28.49 -10.76 7.49
CA GLU A 6 -27.89 -11.46 8.62
C GLU A 6 -27.52 -12.88 8.19
N ASN A 7 -26.28 -13.28 8.50
CA ASN A 7 -25.79 -14.63 8.22
C ASN A 7 -25.25 -15.21 9.52
N LYS A 8 -26.09 -15.99 10.21
CA LYS A 8 -25.71 -16.56 11.49
C LYS A 8 -24.74 -17.73 11.35
N SER A 9 -24.47 -18.20 10.13
CA SER A 9 -23.49 -19.27 9.96
C SER A 9 -22.09 -18.82 10.38
N TRP A 10 -21.82 -17.52 10.32
CA TRP A 10 -20.53 -17.00 10.75
C TRP A 10 -20.30 -17.22 12.25
N ASN A 11 -21.36 -17.38 13.03
CA ASN A 11 -21.20 -17.60 14.46
C ASN A 11 -20.38 -18.84 14.77
N ALA A 12 -20.39 -19.83 13.86
CA ALA A 12 -19.60 -21.04 14.08
C ALA A 12 -18.11 -20.73 14.18
N HIS A 13 -17.64 -19.69 13.48
CA HIS A 13 -16.24 -19.32 13.58
C HIS A 13 -15.91 -18.72 14.95
N PHE A 14 -16.87 -18.04 15.58
CA PHE A 14 -16.69 -17.58 16.94
C PHE A 14 -16.80 -18.71 17.94
N THR A 15 -17.75 -19.63 17.72
CA THR A 15 -17.91 -20.77 18.61
C THR A 15 -16.69 -21.69 18.58
N GLU A 16 -16.05 -21.82 17.41
CA GLU A 16 -14.89 -22.70 17.28
C GLU A 16 -13.75 -22.27 18.21
N HIS A 17 -13.62 -20.97 18.46
CA HIS A 17 -12.58 -20.46 19.34
C HIS A 17 -13.11 -20.02 20.70
N LYS A 18 -14.30 -20.51 21.07
CA LYS A 18 -14.94 -20.17 22.35
C LYS A 18 -15.01 -18.65 22.53
N SER A 19 -15.44 -17.97 21.47
CA SER A 19 -15.44 -16.52 21.42
C SER A 19 -16.85 -16.00 21.11
N GLN A 20 -17.01 -14.70 21.28
CA GLN A 20 -18.27 -14.02 20.99
C GLN A 20 -17.96 -12.67 20.37
N GLY A 21 -18.61 -12.36 19.26
CA GLY A 21 -18.36 -11.10 18.60
C GLY A 21 -19.24 -10.92 17.39
N VAL A 22 -18.92 -9.90 16.61
CA VAL A 22 -19.67 -9.55 15.40
C VAL A 22 -18.69 -9.25 14.28
N VAL A 23 -19.02 -9.70 13.08
CA VAL A 23 -18.29 -9.35 11.88
C VAL A 23 -19.27 -8.71 10.91
N VAL A 24 -18.93 -7.52 10.43
CA VAL A 24 -19.76 -6.78 9.49
C VAL A 24 -18.98 -6.62 8.19
N LEU A 25 -19.60 -7.04 7.09
CA LEU A 25 -19.01 -6.91 5.76
C LEU A 25 -19.89 -6.02 4.90
N TRP A 26 -19.27 -5.24 4.02
CA TRP A 26 -19.99 -4.38 3.08
C TRP A 26 -19.40 -4.57 1.70
N ASN A 27 -20.23 -5.06 0.77
CA ASN A 27 -19.84 -5.18 -0.63
C ASN A 27 -20.06 -3.82 -1.30
N GLU A 28 -18.98 -3.18 -1.73
CA GLU A 28 -19.11 -1.84 -2.30
C GLU A 28 -19.78 -1.88 -3.67
N ASN A 29 -19.40 -2.83 -4.52
CA ASN A 29 -19.98 -2.91 -5.85
C ASN A 29 -21.49 -3.18 -5.78
N LYS A 30 -21.89 -4.10 -4.92
CA LYS A 30 -23.29 -4.50 -4.82
C LYS A 30 -24.08 -3.63 -3.84
N GLN A 31 -23.41 -2.81 -3.03
CA GLN A 31 -24.05 -1.95 -2.05
C GLN A 31 -24.92 -2.77 -1.08
N GLN A 32 -24.40 -3.93 -0.67
CA GLN A 32 -25.05 -4.79 0.31
C GLN A 32 -24.13 -5.01 1.50
N GLY A 33 -24.74 -5.24 2.66
CA GLY A 33 -24.01 -5.51 3.87
C GLY A 33 -24.43 -6.84 4.47
N PHE A 34 -23.50 -7.47 5.17
CA PHE A 34 -23.72 -8.76 5.79
C PHE A 34 -23.12 -8.77 7.19
N THR A 35 -23.80 -9.44 8.12
CA THR A 35 -23.29 -9.55 9.48
C THR A 35 -23.90 -10.77 10.15
N ASN A 36 -23.21 -11.27 11.16
CA ASN A 36 -23.72 -12.40 11.94
C ASN A 36 -24.58 -11.96 13.11
N ASN A 37 -24.65 -10.66 13.40
CA ASN A 37 -25.39 -10.16 14.55
C ASN A 37 -25.78 -8.72 14.24
N LEU A 38 -27.02 -8.54 13.79
CA LEU A 38 -27.49 -7.20 13.43
C LEU A 38 -27.48 -6.26 14.62
N LYS A 39 -27.85 -6.77 15.80
CA LYS A 39 -27.91 -5.92 16.98
C LYS A 39 -26.51 -5.45 17.39
N ARG A 40 -25.57 -6.40 17.55
CA ARG A 40 -24.23 -6.01 17.96
C ARG A 40 -23.53 -5.19 16.89
N ALA A 41 -23.91 -5.37 15.62
CA ALA A 41 -23.33 -4.56 14.55
C ALA A 41 -23.60 -3.07 14.76
N ASN A 42 -24.72 -2.73 15.39
CA ASN A 42 -25.08 -1.34 15.63
C ASN A 42 -24.90 -0.90 17.07
N GLN A 43 -24.30 -1.75 17.90
CA GLN A 43 -23.99 -1.37 19.28
C GLN A 43 -22.67 -0.63 19.34
N ALA A 44 -22.64 0.45 20.12
CA ALA A 44 -21.52 1.37 20.11
C ALA A 44 -20.53 1.01 21.22
N PHE A 45 -19.25 0.91 20.86
CA PHE A 45 -18.18 0.59 21.79
C PHE A 45 -17.11 1.68 21.71
N LEU A 46 -16.23 1.68 22.71
CA LEU A 46 -15.05 2.54 22.63
C LEU A 46 -14.23 2.14 21.41
N PRO A 47 -13.79 3.08 20.59
CA PRO A 47 -13.01 2.71 19.39
C PRO A 47 -11.61 2.20 19.72
N ALA A 48 -11.05 2.57 20.88
CA ALA A 48 -9.69 2.20 21.28
C ALA A 48 -8.74 2.60 20.15
N SER A 49 -7.77 1.75 19.79
CA SER A 49 -6.76 2.13 18.82
C SER A 49 -7.28 2.22 17.39
N THR A 50 -8.53 1.83 17.11
CA THR A 50 -9.06 2.15 15.79
C THR A 50 -9.27 3.66 15.62
N PHE A 51 -9.26 4.40 16.72
CA PHE A 51 -9.37 5.85 16.65
C PHE A 51 -8.10 6.46 16.05
N KCX A 52 -7.06 5.65 15.87
CA KCX A 52 -5.83 6.15 15.26
CB KCX A 52 -4.69 5.14 15.42
CG KCX A 52 -4.19 5.05 16.86
CD KCX A 52 -2.92 4.21 16.98
CE KCX A 52 -2.38 4.23 18.41
NZ KCX A 52 -3.39 3.71 19.39
C KCX A 52 -6.05 6.50 13.79
O KCX A 52 -5.26 7.23 13.20
CX KCX A 52 -4.11 4.54 20.14
OQ1 KCX A 52 -3.97 5.78 20.04
OQ2 KCX A 52 -4.95 4.09 20.93
N ILE A 53 -7.13 5.99 13.19
CA ILE A 53 -7.44 6.37 11.82
C ILE A 53 -7.90 7.83 11.76
N PRO A 54 -8.99 8.21 12.46
CA PRO A 54 -9.35 9.64 12.45
C PRO A 54 -8.32 10.52 13.12
N ASN A 55 -7.65 10.04 14.18
CA ASN A 55 -6.61 10.85 14.83
C ASN A 55 -5.49 11.18 13.86
N SER A 56 -5.09 10.21 13.02
CA SER A 56 -4.06 10.47 12.03
C SER A 56 -4.53 11.49 11.00
N LEU A 57 -5.78 11.34 10.53
CA LEU A 57 -6.33 12.29 9.55
C LEU A 57 -6.35 13.71 10.10
N ILE A 58 -6.77 13.88 11.36
CA ILE A 58 -6.84 15.20 11.95
C ILE A 58 -5.45 15.78 12.16
N ALA A 59 -4.51 14.96 12.65
CA ALA A 59 -3.15 15.44 12.86
C ALA A 59 -2.50 15.86 11.55
N LEU A 60 -2.77 15.12 10.47
CA LEU A 60 -2.17 15.45 9.18
C LEU A 60 -2.77 16.72 8.60
N ASP A 61 -4.10 16.84 8.64
CA ASP A 61 -4.75 17.98 8.01
C ASP A 61 -4.47 19.28 8.76
N LEU A 62 -4.22 19.20 10.07
CA LEU A 62 -3.93 20.38 10.87
C LEU A 62 -2.45 20.73 10.89
N GLY A 63 -1.59 19.91 10.30
CA GLY A 63 -0.17 20.17 10.30
C GLY A 63 0.57 19.70 11.53
N VAL A 64 -0.11 19.05 12.48
CA VAL A 64 0.58 18.48 13.63
C VAL A 64 1.59 17.43 13.17
N VAL A 65 1.22 16.65 12.15
CA VAL A 65 2.13 15.73 11.49
C VAL A 65 2.32 16.24 10.07
N LYS A 66 3.58 16.45 9.67
CA LYS A 66 3.85 17.01 8.36
C LYS A 66 3.67 15.97 7.26
N ASP A 67 4.16 14.75 7.46
CA ASP A 67 3.99 13.66 6.52
C ASP A 67 4.27 12.34 7.24
N GLU A 68 4.25 11.26 6.48
CA GLU A 68 4.42 9.93 7.06
C GLU A 68 5.87 9.62 7.40
N HIS A 69 6.81 10.53 7.13
CA HIS A 69 8.21 10.32 7.44
C HIS A 69 8.68 11.08 8.68
N GLN A 70 7.88 12.02 9.18
CA GLN A 70 8.28 12.79 10.35
C GLN A 70 8.49 11.86 11.54
N VAL A 71 9.67 11.96 12.16
CA VAL A 71 10.05 11.07 13.24
C VAL A 71 9.55 11.66 14.56
N PHE A 72 8.87 10.83 15.35
CA PHE A 72 8.43 11.20 16.69
C PHE A 72 9.34 10.48 17.68
N LYS A 73 10.24 11.23 18.31
CA LYS A 73 11.27 10.63 19.14
C LYS A 73 10.67 9.98 20.37
N TRP A 74 11.23 8.83 20.75
CA TRP A 74 10.87 8.17 21.99
C TRP A 74 11.18 9.09 23.17
N ASP A 75 10.21 9.25 24.07
CA ASP A 75 10.35 10.18 25.19
C ASP A 75 11.27 9.67 26.28
N GLY A 76 11.77 8.44 26.17
CA GLY A 76 12.71 7.88 27.13
C GLY A 76 12.07 7.01 28.19
N GLN A 77 10.76 7.10 28.38
CA GLN A 77 10.08 6.29 29.39
C GLN A 77 9.91 4.87 28.85
N THR A 78 10.49 3.90 29.55
CA THR A 78 10.36 2.50 29.16
C THR A 78 8.97 2.00 29.51
N ARG A 79 8.23 1.55 28.51
CA ARG A 79 6.85 1.09 28.69
C ARG A 79 6.76 -0.42 28.47
N ASP A 80 5.59 -0.96 28.78
CA ASP A 80 5.42 -2.41 28.78
C ASP A 80 5.60 -3.02 27.40
N ILE A 81 5.13 -2.35 26.36
CA ILE A 81 5.22 -2.85 25.00
C ILE A 81 6.56 -2.41 24.41
N ALA A 82 7.40 -3.38 24.05
CA ALA A 82 8.77 -3.08 23.66
C ALA A 82 8.81 -2.24 22.39
N THR A 83 7.94 -2.52 21.42
CA THR A 83 7.95 -1.76 20.17
C THR A 83 7.62 -0.29 20.37
N TRP A 84 7.09 0.09 21.53
CA TRP A 84 6.84 1.49 21.82
C TRP A 84 8.09 2.25 22.25
N ASN A 85 9.11 1.54 22.73
CA ASN A 85 10.31 2.17 23.29
C ASN A 85 11.35 2.42 22.21
N ARG A 86 10.96 3.23 21.22
CA ARG A 86 11.82 3.55 20.09
C ARG A 86 11.19 4.71 19.32
N ASP A 87 11.96 5.25 18.38
CA ASP A 87 11.44 6.30 17.52
C ASP A 87 10.39 5.74 16.56
N HIS A 88 9.47 6.59 16.14
CA HIS A 88 8.41 6.16 15.25
C HIS A 88 8.07 7.28 14.28
N ASN A 89 7.54 6.88 13.12
CA ASN A 89 6.85 7.79 12.22
C ASN A 89 5.38 7.37 12.19
N LEU A 90 4.60 8.02 11.32
CA LEU A 90 3.17 7.73 11.26
C LEU A 90 2.91 6.27 10.89
N ILE A 91 3.73 5.71 10.00
CA ILE A 91 3.50 4.34 9.54
C ILE A 91 3.77 3.35 10.66
N THR A 92 4.93 3.47 11.31
CA THR A 92 5.25 2.52 12.39
C THR A 92 4.40 2.77 13.63
N ALA A 93 4.01 4.02 13.89
CA ALA A 93 3.15 4.28 15.03
C ALA A 93 1.78 3.63 14.85
N MET A 94 1.25 3.66 13.62
CA MET A 94 0.00 2.96 13.33
C MET A 94 0.20 1.45 13.41
N LYS A 95 1.29 0.95 12.81
CA LYS A 95 1.53 -0.48 12.74
C LYS A 95 1.64 -1.10 14.13
N TYR A 96 2.31 -0.42 15.05
CA TYR A 96 2.52 -0.95 16.40
C TYR A 96 1.57 -0.33 17.41
N SER A 97 0.60 0.46 16.96
CA SER A 97 -0.44 1.02 17.83
C SER A 97 0.17 1.80 18.98
N VAL A 98 1.17 2.65 18.67
CA VAL A 98 1.92 3.36 19.70
C VAL A 98 1.05 4.44 20.31
N VAL A 99 0.35 4.09 21.39
CA VAL A 99 -0.55 5.05 22.05
C VAL A 99 0.16 6.35 22.44
N PRO A 100 1.34 6.33 23.08
CA PRO A 100 1.93 7.62 23.51
C PRO A 100 2.16 8.59 22.38
N VAL A 101 2.47 8.10 21.17
CA VAL A 101 2.63 9.00 20.03
C VAL A 101 1.32 9.69 19.70
N TYR A 102 0.22 8.94 19.69
CA TYR A 102 -1.07 9.53 19.36
C TYR A 102 -1.66 10.34 20.49
N GLN A 103 -1.27 10.06 21.74
CA GLN A 103 -1.66 10.94 22.83
C GLN A 103 -1.02 12.31 22.67
N GLU A 104 0.21 12.35 22.15
CA GLU A 104 0.84 13.64 21.84
C GLU A 104 0.09 14.36 20.71
N PHE A 105 -0.32 13.63 19.68
CA PHE A 105 -1.13 14.23 18.62
C PHE A 105 -2.39 14.88 19.19
N ALA A 106 -3.10 14.14 20.05
CA ALA A 106 -4.37 14.63 20.58
C ALA A 106 -4.16 15.88 21.44
N ARG A 107 -3.06 15.92 22.20
CA ARG A 107 -2.78 17.12 22.98
C ARG A 107 -2.53 18.32 22.09
N GLN A 108 -1.78 18.13 20.99
CA GLN A 108 -1.53 19.23 20.07
C GLN A 108 -2.80 19.66 19.35
N ILE A 109 -3.64 18.70 18.98
CA ILE A 109 -4.89 19.02 18.30
C ILE A 109 -5.78 19.86 19.20
N GLY A 110 -5.98 19.42 20.44
CA GLY A 110 -6.80 20.14 21.39
C GLY A 110 -8.27 19.76 21.28
N GLU A 111 -9.00 20.04 22.36
CA GLU A 111 -10.39 19.59 22.47
C GLU A 111 -11.27 20.27 21.42
N ALA A 112 -11.11 21.58 21.23
CA ALA A 112 -11.96 22.31 20.31
C ALA A 112 -11.81 21.79 18.88
N ARG A 113 -10.56 21.64 18.42
CA ARG A 113 -10.35 21.14 17.06
C ARG A 113 -10.75 19.68 16.94
N MET A 114 -10.46 18.87 17.97
CA MET A 114 -10.83 17.46 17.92
C MET A 114 -12.33 17.28 17.78
N SER A 115 -13.11 18.00 18.60
CA SER A 115 -14.56 17.89 18.52
C SER A 115 -15.10 18.39 17.19
N LYS A 116 -14.54 19.51 16.70
CA LYS A 116 -14.97 20.06 15.42
C LYS A 116 -14.77 19.05 14.30
N MET A 117 -13.63 18.35 14.30
CA MET A 117 -13.31 17.43 13.22
C MET A 117 -14.14 16.15 13.31
N LEU A 118 -14.34 15.61 14.51
CA LEU A 118 -15.16 14.42 14.65
C LEU A 118 -16.62 14.70 14.27
N HIS A 119 -17.10 15.90 14.57
CA HIS A 119 -18.42 16.30 14.10
C HIS A 119 -18.46 16.34 12.57
N ALA A 120 -17.43 16.93 11.95
CA ALA A 120 -17.39 16.96 10.48
C ALA A 120 -17.24 15.56 9.90
N PHE A 121 -16.57 14.65 10.62
CA PHE A 121 -16.41 13.28 10.17
C PHE A 121 -17.67 12.44 10.34
N ASP A 122 -18.64 12.92 11.13
CA ASP A 122 -19.79 12.12 11.55
C ASP A 122 -19.33 10.81 12.20
N TYR A 123 -18.25 10.90 12.98
CA TYR A 123 -17.59 9.73 13.54
C TYR A 123 -18.28 9.32 14.83
N GLY A 124 -18.94 8.17 14.82
CA GLY A 124 -19.58 7.66 16.02
C GLY A 124 -20.55 8.65 16.60
N ASN A 125 -20.58 8.73 17.93
CA ASN A 125 -21.43 9.71 18.61
C ASN A 125 -20.79 11.09 18.71
N GLU A 126 -19.61 11.27 18.12
CA GLU A 126 -18.96 12.59 18.02
C GLU A 126 -18.71 13.21 19.40
N ASP A 127 -18.59 12.39 20.42
CA ASP A 127 -18.46 12.86 21.81
C ASP A 127 -17.02 12.70 22.25
N ILE A 128 -16.36 13.81 22.57
CA ILE A 128 -14.97 13.79 23.01
C ILE A 128 -14.86 13.94 24.54
N SER A 129 -15.97 13.77 25.26
CA SER A 129 -15.96 13.96 26.71
C SER A 129 -14.94 13.03 27.36
N GLY A 130 -14.22 13.56 28.34
CA GLY A 130 -13.14 12.82 28.96
C GLY A 130 -11.81 13.53 28.77
N ASN A 131 -10.71 12.81 28.90
CA ASN A 131 -9.39 13.41 28.76
C ASN A 131 -9.06 13.63 27.29
N VAL A 132 -8.42 14.77 27.01
CA VAL A 132 -8.10 15.14 25.63
C VAL A 132 -7.21 14.10 24.97
N ASP A 133 -6.39 13.38 25.76
CA ASP A 133 -5.43 12.45 25.20
C ASP A 133 -5.74 11.00 25.57
N SER A 134 -6.99 10.69 25.90
CA SER A 134 -7.35 9.31 26.22
C SER A 134 -8.85 9.05 26.08
N PHE A 135 -9.59 10.01 25.52
CA PHE A 135 -11.04 9.86 25.47
C PHE A 135 -11.45 8.68 24.59
N TRP A 136 -10.63 8.30 23.62
CA TRP A 136 -10.93 7.13 22.81
C TRP A 136 -10.59 5.82 23.52
N LEU A 137 -9.95 5.88 24.68
CA LEU A 137 -9.67 4.69 25.48
C LEU A 137 -10.53 4.57 26.72
N ASP A 138 -10.92 5.69 27.34
CA ASP A 138 -11.77 5.62 28.51
C ASP A 138 -12.71 6.81 28.65
N GLY A 139 -12.94 7.57 27.58
CA GLY A 139 -13.85 8.70 27.58
C GLY A 139 -15.23 8.34 27.10
N GLY A 140 -15.92 9.33 26.53
CA GLY A 140 -17.30 9.19 26.13
C GLY A 140 -17.55 8.83 24.68
N ILE A 141 -16.50 8.74 23.86
CA ILE A 141 -16.71 8.44 22.46
C ILE A 141 -17.12 6.98 22.30
N ARG A 142 -18.04 6.73 21.38
CA ARG A 142 -18.52 5.38 21.09
C ARG A 142 -18.77 5.28 19.59
N ILE A 143 -18.50 4.09 19.03
CA ILE A 143 -18.75 3.85 17.62
C ILE A 143 -19.12 2.40 17.44
N SER A 144 -20.07 2.16 16.54
CA SER A 144 -20.49 0.80 16.22
C SER A 144 -19.72 0.29 15.01
N ALA A 145 -19.80 -1.03 14.79
CA ALA A 145 -19.14 -1.63 13.64
C ALA A 145 -19.69 -1.07 12.33
N THR A 146 -21.01 -0.88 12.24
CA THR A 146 -21.58 -0.31 11.02
C THR A 146 -21.17 1.15 10.84
N GLU A 147 -21.05 1.89 11.95
CA GLU A 147 -20.56 3.26 11.87
C GLU A 147 -19.08 3.30 11.48
N GLN A 148 -18.31 2.28 11.86
CA GLN A 148 -16.93 2.19 11.38
C GLN A 148 -16.89 2.03 9.87
N ILE A 149 -17.75 1.15 9.33
CA ILE A 149 -17.79 0.96 7.88
C ILE A 149 -18.21 2.23 7.17
N SER A 150 -19.22 2.92 7.71
CA SER A 150 -19.65 4.19 7.12
C SER A 150 -18.49 5.19 7.08
N PHE A 151 -17.71 5.25 8.16
CA PHE A 151 -16.55 6.14 8.18
C PHE A 151 -15.49 5.68 7.19
N LEU A 152 -15.21 4.37 7.16
CA LEU A 152 -14.18 3.85 6.27
C LEU A 152 -14.53 4.04 4.80
N ARG A 153 -15.83 3.97 4.47
CA ARG A 153 -16.24 4.17 3.08
C ARG A 153 -15.95 5.59 2.63
N LYS A 154 -16.23 6.58 3.49
CA LYS A 154 -15.87 7.96 3.16
C LYS A 154 -14.37 8.10 2.96
N LEU A 155 -13.57 7.47 3.84
CA LEU A 155 -12.13 7.55 3.71
C LEU A 155 -11.66 6.92 2.40
N TYR A 156 -12.21 5.76 2.05
CA TYR A 156 -11.81 5.09 0.81
C TYR A 156 -12.07 5.97 -0.40
N HIS A 157 -13.17 6.69 -0.42
CA HIS A 157 -13.54 7.53 -1.55
C HIS A 157 -13.04 8.97 -1.42
N ASN A 158 -12.16 9.24 -0.46
CA ASN A 158 -11.63 10.58 -0.24
C ASN A 158 -12.75 11.59 0.01
N LYS A 159 -13.79 11.15 0.71
CA LYS A 159 -14.98 11.97 0.94
C LYS A 159 -14.95 12.72 2.27
N LEU A 160 -14.05 12.36 3.19
CA LEU A 160 -13.97 13.08 4.45
C LEU A 160 -13.52 14.52 4.22
N HIS A 161 -13.86 15.40 5.17
CA HIS A 161 -13.65 16.83 4.96
C HIS A 161 -12.20 17.24 5.00
N VAL A 162 -11.28 16.35 5.39
CA VAL A 162 -9.86 16.65 5.34
C VAL A 162 -9.40 16.62 3.89
N SER A 163 -8.17 17.07 3.64
CA SER A 163 -7.65 17.07 2.28
C SER A 163 -7.51 15.65 1.75
N GLU A 164 -7.52 15.52 0.42
CA GLU A 164 -7.29 14.22 -0.18
C GLU A 164 -5.91 13.67 0.19
N ARG A 165 -4.91 14.55 0.30
CA ARG A 165 -3.57 14.12 0.68
C ARG A 165 -3.59 13.44 2.04
N SER A 166 -4.25 14.06 3.03
CA SER A 166 -4.32 13.46 4.36
C SER A 166 -4.98 12.09 4.31
N GLN A 167 -6.01 11.93 3.49
CA GLN A 167 -6.69 10.64 3.39
C GLN A 167 -5.84 9.60 2.68
N ARG A 168 -5.07 10.01 1.66
CA ARG A 168 -4.19 9.06 0.98
C ARG A 168 -3.06 8.62 1.89
N ILE A 169 -2.54 9.52 2.73
CA ILE A 169 -1.46 9.15 3.64
C ILE A 169 -1.95 8.15 4.68
N VAL A 170 -3.14 8.39 5.24
CA VAL A 170 -3.65 7.47 6.26
C VAL A 170 -3.97 6.11 5.64
N LYS A 171 -4.52 6.11 4.43
CA LYS A 171 -4.80 4.83 3.77
C LYS A 171 -3.51 4.05 3.51
N GLN A 172 -2.44 4.76 3.17
CA GLN A 172 -1.14 4.11 3.07
C GLN A 172 -0.69 3.56 4.42
N ALA A 173 -0.85 4.35 5.49
CA ALA A 173 -0.42 3.89 6.81
C ALA A 173 -1.25 2.71 7.29
N MET A 174 -2.49 2.57 6.81
CA MET A 174 -3.33 1.45 7.19
C MET A 174 -2.94 0.14 6.52
N LEU A 175 -2.02 0.17 5.54
CA LEU A 175 -1.61 -1.04 4.86
C LEU A 175 -1.15 -2.10 5.86
N THR A 176 -1.78 -3.26 5.80
CA THR A 176 -1.50 -4.37 6.72
C THR A 176 -0.97 -5.60 6.02
N GLU A 177 -1.51 -5.94 4.86
CA GLU A 177 -1.13 -7.14 4.15
C GLU A 177 -1.45 -6.97 2.68
N ALA A 178 -0.57 -7.50 1.82
CA ALA A 178 -0.80 -7.44 0.38
C ALA A 178 -0.09 -8.60 -0.28
N ASN A 179 -0.77 -9.26 -1.20
CA ASN A 179 -0.19 -10.28 -2.05
C ASN A 179 -0.86 -10.19 -3.41
N GLY A 180 -0.64 -11.22 -4.24
CA GLY A 180 -1.25 -11.24 -5.56
C GLY A 180 -2.75 -11.43 -5.56
N ASP A 181 -3.35 -11.73 -4.41
CA ASP A 181 -4.77 -12.02 -4.31
C ASP A 181 -5.58 -10.85 -3.76
N TYR A 182 -5.06 -10.13 -2.77
CA TYR A 182 -5.83 -9.08 -2.13
C TYR A 182 -4.89 -8.10 -1.45
N ILE A 183 -5.45 -6.94 -1.10
CA ILE A 183 -4.79 -5.95 -0.28
C ILE A 183 -5.69 -5.67 0.92
N ILE A 184 -5.12 -5.70 2.11
CA ILE A 184 -5.86 -5.41 3.34
C ILE A 184 -5.30 -4.12 3.91
N ARG A 185 -6.17 -3.12 4.04
CA ARG A 185 -5.88 -1.90 4.77
C ARG A 185 -6.79 -1.88 6.00
N ALA A 186 -6.20 -1.92 7.18
CA ALA A 186 -6.98 -2.11 8.39
C ALA A 186 -6.26 -1.52 9.58
N LYS A 187 -6.97 -1.49 10.71
CA LYS A 187 -6.42 -1.02 11.98
C LYS A 187 -6.99 -1.88 13.10
N THR A 188 -6.10 -2.40 13.95
CA THR A 188 -6.52 -3.16 15.11
C THR A 188 -6.88 -2.22 16.26
N GLY A 189 -7.61 -2.76 17.22
CA GLY A 189 -7.97 -2.01 18.42
C GLY A 189 -8.24 -2.95 19.56
N TYR A 190 -7.91 -2.50 20.77
CA TYR A 190 -8.11 -3.29 21.98
C TYR A 190 -8.57 -2.34 23.08
N SER A 191 -9.85 -2.44 23.45
CA SER A 191 -10.43 -1.59 24.47
C SER A 191 -10.46 -2.35 25.79
N THR A 192 -9.71 -1.86 26.78
CA THR A 192 -9.54 -2.56 28.05
C THR A 192 -9.96 -1.75 29.27
N ARG A 193 -10.04 -0.42 29.18
CA ARG A 193 -10.23 0.40 30.36
C ARG A 193 -11.67 0.42 30.85
N ILE A 194 -12.63 0.19 29.95
CA ILE A 194 -14.05 0.18 30.31
C ILE A 194 -14.66 -1.10 29.77
N GLU A 195 -15.42 -1.79 30.62
CA GLU A 195 -16.06 -3.03 30.19
C GLU A 195 -17.19 -2.73 29.21
N PRO A 196 -17.46 -3.65 28.27
CA PRO A 196 -16.79 -4.93 28.11
C PRO A 196 -15.47 -4.83 27.33
N LYS A 197 -14.45 -5.54 27.79
CA LYS A 197 -13.18 -5.57 27.08
C LYS A 197 -13.37 -6.21 25.72
N ILE A 198 -13.03 -5.48 24.66
CA ILE A 198 -13.27 -5.95 23.30
C ILE A 198 -12.05 -5.68 22.43
N GLY A 199 -11.89 -6.51 21.41
CA GLY A 199 -10.87 -6.32 20.39
C GLY A 199 -11.52 -5.92 19.08
N TRP A 200 -10.90 -4.99 18.38
CA TRP A 200 -11.41 -4.46 17.12
C TRP A 200 -10.52 -4.91 15.96
N TRP A 201 -11.13 -5.02 14.78
CA TRP A 201 -10.38 -4.99 13.53
C TRP A 201 -11.28 -4.40 12.47
N VAL A 202 -10.92 -3.22 11.96
CA VAL A 202 -11.74 -2.53 10.98
C VAL A 202 -10.86 -2.19 9.78
N GLY A 203 -11.48 -2.17 8.61
CA GLY A 203 -10.74 -1.82 7.40
C GLY A 203 -11.48 -2.30 6.17
N TRP A 204 -10.70 -2.68 5.16
CA TRP A 204 -11.31 -3.21 3.96
C TRP A 204 -10.30 -4.10 3.24
N VAL A 205 -10.84 -4.94 2.35
CA VAL A 205 -10.05 -5.83 1.52
C VAL A 205 -10.22 -5.38 0.08
N GLU A 206 -9.11 -5.01 -0.56
CA GLU A 206 -9.14 -4.57 -1.94
C GLU A 206 -8.93 -5.77 -2.85
N LEU A 207 -9.86 -6.00 -3.75
CA LEU A 207 -9.73 -7.01 -4.80
C LEU A 207 -9.50 -6.30 -6.13
N ASP A 208 -9.42 -7.09 -7.20
CA ASP A 208 -9.16 -6.53 -8.52
C ASP A 208 -10.28 -5.60 -8.96
N ASP A 209 -11.54 -6.01 -8.78
CA ASP A 209 -12.68 -5.25 -9.28
C ASP A 209 -13.70 -4.92 -8.19
N ASN A 210 -13.36 -5.10 -6.92
CA ASN A 210 -14.29 -4.80 -5.84
C ASN A 210 -13.48 -4.54 -4.57
N VAL A 211 -14.16 -3.97 -3.58
CA VAL A 211 -13.59 -3.77 -2.26
C VAL A 211 -14.64 -4.19 -1.23
N TRP A 212 -14.22 -5.00 -0.26
CA TRP A 212 -15.07 -5.46 0.82
C TRP A 212 -14.64 -4.74 2.10
N PHE A 213 -15.50 -3.85 2.60
CA PHE A 213 -15.24 -3.20 3.87
C PHE A 213 -15.62 -4.15 5.00
N PHE A 214 -14.84 -4.13 6.09
CA PHE A 214 -15.13 -4.97 7.22
C PHE A 214 -14.92 -4.21 8.51
N ALA A 215 -15.73 -4.54 9.51
CA ALA A 215 -15.57 -3.99 10.85
C ALA A 215 -16.01 -5.08 11.81
N MET A 216 -15.08 -5.56 12.63
CA MET A 216 -15.39 -6.62 13.57
C MET A 216 -14.96 -6.20 14.97
N ASN A 217 -15.73 -6.64 15.96
CA ASN A 217 -15.32 -6.56 17.35
C ASN A 217 -15.78 -7.82 18.06
N MET A 218 -15.07 -8.16 19.13
CA MET A 218 -15.30 -9.42 19.83
C MET A 218 -14.88 -9.25 21.27
N ASP A 219 -15.55 -10.00 22.15
CA ASP A 219 -15.17 -10.00 23.56
C ASP A 219 -13.73 -10.48 23.70
N MET A 220 -12.94 -9.76 24.49
CA MET A 220 -11.52 -10.04 24.64
C MET A 220 -11.13 -9.87 26.10
N PRO A 221 -11.34 -10.90 26.92
CA PRO A 221 -10.99 -10.78 28.35
C PRO A 221 -9.49 -10.69 28.58
N THR A 222 -8.67 -11.24 27.68
CA THR A 222 -7.22 -11.24 27.84
C THR A 222 -6.57 -10.94 26.50
N SER A 223 -5.35 -10.42 26.56
CA SER A 223 -4.59 -10.14 25.35
C SER A 223 -4.13 -11.40 24.63
N ASP A 224 -4.31 -12.58 25.24
CA ASP A 224 -3.84 -13.82 24.62
C ASP A 224 -4.59 -14.13 23.33
N GLY A 225 -5.86 -13.76 23.23
CA GLY A 225 -6.65 -14.09 22.07
C GLY A 225 -6.75 -12.97 21.05
N LEU A 226 -5.83 -12.00 21.11
CA LEU A 226 -5.88 -10.87 20.19
C LEU A 226 -5.75 -11.32 18.74
N GLY A 227 -4.98 -12.39 18.50
CA GLY A 227 -4.84 -12.91 17.15
C GLY A 227 -6.12 -13.44 16.55
N LEU A 228 -7.14 -13.73 17.38
CA LEU A 228 -8.40 -14.21 16.85
C LEU A 228 -9.16 -13.15 16.08
N ARG A 229 -8.85 -11.88 16.29
CA ARG A 229 -9.49 -10.81 15.51
C ARG A 229 -9.27 -11.01 14.02
N GLN A 230 -8.00 -11.18 13.62
CA GLN A 230 -7.70 -11.43 12.22
C GLN A 230 -8.11 -12.84 11.81
N ALA A 231 -7.89 -13.82 12.69
CA ALA A 231 -8.17 -15.21 12.33
C ALA A 231 -9.64 -15.44 12.03
N ILE A 232 -10.52 -14.96 12.93
CA ILE A 232 -11.95 -15.14 12.71
C ILE A 232 -12.41 -14.33 11.50
N THR A 233 -11.86 -13.13 11.32
CA THR A 233 -12.21 -12.33 10.15
C THR A 233 -11.80 -13.02 8.86
N LYS A 234 -10.59 -13.58 8.83
CA LYS A 234 -10.14 -14.28 7.63
C LYS A 234 -11.01 -15.49 7.34
N GLU A 235 -11.47 -16.19 8.38
CA GLU A 235 -12.35 -17.34 8.18
C GLU A 235 -13.66 -16.92 7.56
N VAL A 236 -14.22 -15.79 8.00
CA VAL A 236 -15.44 -15.27 7.38
C VAL A 236 -15.17 -14.87 5.94
N LEU A 237 -14.03 -14.21 5.70
CA LEU A 237 -13.69 -13.82 4.33
C LEU A 237 -13.51 -15.03 3.43
N LYS A 238 -12.93 -16.11 3.96
CA LYS A 238 -12.76 -17.33 3.17
C LYS A 238 -14.11 -18.00 2.91
N GLN A 239 -15.02 -17.96 3.88
CA GLN A 239 -16.32 -18.58 3.70
C GLN A 239 -17.13 -17.87 2.61
N GLU A 240 -17.01 -16.56 2.53
CA GLU A 240 -17.71 -15.77 1.52
C GLU A 240 -16.96 -15.71 0.18
N LYS A 241 -15.89 -16.49 0.04
CA LYS A 241 -15.10 -16.54 -1.20
C LYS A 241 -14.53 -15.18 -1.57
N ILE A 242 -14.25 -14.34 -0.56
CA ILE A 242 -13.64 -13.05 -0.83
C ILE A 242 -12.12 -13.20 -0.99
N ILE A 243 -11.49 -13.97 -0.12
CA ILE A 243 -10.07 -14.28 -0.21
C ILE A 243 -9.92 -15.78 -0.37
N PRO A 244 -8.83 -16.29 -0.96
CA PRO A 244 -8.68 -17.74 -1.10
C PRO A 244 -8.15 -18.40 0.17
N MET B 3 30.52 4.83 -2.36
CA MET B 3 29.07 4.95 -2.48
C MET B 3 28.49 3.77 -3.26
N TRP B 4 29.29 3.21 -4.16
CA TRP B 4 28.93 2.00 -4.89
C TRP B 4 29.92 0.91 -4.54
N GLN B 5 29.41 -0.32 -4.36
CA GLN B 5 30.23 -1.44 -3.93
C GLN B 5 29.82 -2.68 -4.69
N GLU B 6 30.81 -3.43 -5.18
CA GLU B 6 30.55 -4.66 -5.91
C GLU B 6 30.60 -5.85 -4.96
N ASN B 7 29.53 -6.64 -4.96
CA ASN B 7 29.41 -7.84 -4.13
C ASN B 7 29.18 -9.01 -5.09
N LYS B 8 30.27 -9.59 -5.59
CA LYS B 8 30.18 -10.67 -6.57
C LYS B 8 29.66 -11.97 -5.99
N SER B 9 29.44 -12.05 -4.68
CA SER B 9 28.85 -13.25 -4.10
C SER B 9 27.40 -13.45 -4.54
N TRP B 10 26.72 -12.38 -4.96
CA TRP B 10 25.34 -12.53 -5.43
C TRP B 10 25.26 -13.29 -6.75
N ASN B 11 26.38 -13.42 -7.47
CA ASN B 11 26.38 -14.16 -8.73
C ASN B 11 25.99 -15.62 -8.52
N ALA B 12 26.18 -16.17 -7.32
CA ALA B 12 25.78 -17.55 -7.06
C ALA B 12 24.28 -17.72 -7.18
N HIS B 13 23.50 -16.68 -6.86
CA HIS B 13 22.06 -16.75 -7.03
C HIS B 13 21.68 -16.79 -8.50
N PHE B 14 22.43 -16.08 -9.34
CA PHE B 14 22.22 -16.19 -10.78
C PHE B 14 22.77 -17.51 -11.32
N THR B 15 23.94 -17.92 -10.84
CA THR B 15 24.55 -19.16 -11.31
C THR B 15 23.74 -20.39 -10.93
N GLU B 16 23.07 -20.36 -9.77
CA GLU B 16 22.29 -21.51 -9.33
C GLU B 16 21.14 -21.79 -10.29
N HIS B 17 20.48 -20.74 -10.78
CA HIS B 17 19.34 -20.89 -11.68
C HIS B 17 19.75 -20.83 -13.15
N LYS B 18 21.03 -21.02 -13.45
CA LYS B 18 21.54 -21.01 -14.82
C LYS B 18 21.15 -19.72 -15.54
N SER B 19 21.26 -18.60 -14.83
CA SER B 19 20.83 -17.31 -15.33
C SER B 19 21.98 -16.31 -15.20
N GLN B 20 21.78 -15.14 -15.80
CA GLN B 20 22.78 -14.08 -15.76
C GLN B 20 22.07 -12.74 -15.75
N GLY B 21 22.48 -11.88 -14.84
CA GLY B 21 21.89 -10.56 -14.75
C GLY B 21 22.59 -9.73 -13.70
N VAL B 22 21.92 -8.67 -13.26
CA VAL B 22 22.46 -7.75 -12.27
C VAL B 22 21.38 -7.43 -11.26
N VAL B 23 21.78 -7.27 -10.01
CA VAL B 23 20.92 -6.79 -8.95
C VAL B 23 21.60 -5.58 -8.32
N VAL B 24 20.86 -4.48 -8.21
CA VAL B 24 21.38 -3.25 -7.63
C VAL B 24 20.53 -2.90 -6.42
N LEU B 25 21.18 -2.67 -5.28
CA LEU B 25 20.51 -2.26 -4.07
C LEU B 25 21.01 -0.88 -3.64
N TRP B 26 20.13 -0.09 -3.05
CA TRP B 26 20.49 1.23 -2.54
C TRP B 26 19.97 1.36 -1.11
N ASN B 27 20.90 1.43 -0.15
CA ASN B 27 20.57 1.72 1.24
C ASN B 27 20.30 3.22 1.38
N GLU B 28 19.04 3.58 1.59
CA GLU B 28 18.68 4.99 1.63
C GLU B 28 19.25 5.68 2.87
N ASN B 29 19.22 4.99 4.02
CA ASN B 29 19.74 5.59 5.25
C ASN B 29 21.23 5.90 5.12
N LYS B 30 22.02 4.91 4.70
CA LYS B 30 23.46 5.09 4.60
C LYS B 30 23.90 5.73 3.30
N GLN B 31 22.99 5.88 2.33
CA GLN B 31 23.33 6.44 1.02
C GLN B 31 24.45 5.64 0.36
N GLN B 32 24.29 4.32 0.35
CA GLN B 32 25.27 3.41 -0.22
C GLN B 32 24.59 2.45 -1.18
N GLY B 33 25.27 2.16 -2.29
CA GLY B 33 24.76 1.26 -3.30
C GLY B 33 25.57 -0.03 -3.34
N PHE B 34 24.90 -1.11 -3.72
CA PHE B 34 25.52 -2.43 -3.81
C PHE B 34 25.04 -3.12 -5.06
N THR B 35 25.94 -3.86 -5.72
CA THR B 35 25.58 -4.58 -6.93
C THR B 35 26.57 -5.71 -7.13
N ASN B 36 26.16 -6.71 -7.90
CA ASN B 36 27.03 -7.82 -8.27
C ASN B 36 27.81 -7.56 -9.55
N ASN B 37 27.45 -6.51 -10.30
CA ASN B 37 28.10 -6.23 -11.58
C ASN B 37 27.90 -4.75 -11.87
N LEU B 38 28.91 -3.94 -11.51
CA LEU B 38 28.79 -2.50 -11.69
C LEU B 38 28.62 -2.12 -13.15
N LYS B 39 29.23 -2.88 -14.06
CA LYS B 39 29.12 -2.57 -15.48
C LYS B 39 27.70 -2.80 -15.99
N ARG B 40 27.13 -3.98 -15.70
CA ARG B 40 25.75 -4.21 -16.12
C ARG B 40 24.79 -3.32 -15.34
N ALA B 41 25.15 -2.92 -14.13
CA ALA B 41 24.31 -1.99 -13.36
C ALA B 41 24.14 -0.68 -14.10
N ASN B 42 25.11 -0.28 -14.91
CA ASN B 42 25.05 0.97 -15.66
C ASN B 42 24.78 0.75 -17.15
N GLN B 43 24.50 -0.49 -17.55
CA GLN B 43 24.14 -0.77 -18.94
C GLN B 43 22.67 -0.44 -19.16
N ALA B 44 22.38 0.37 -20.19
CA ALA B 44 21.04 0.86 -20.42
C ALA B 44 20.29 -0.09 -21.36
N PHE B 45 19.11 -0.53 -20.93
CA PHE B 45 18.25 -1.40 -21.70
C PHE B 45 16.91 -0.73 -21.96
N LEU B 46 16.11 -1.33 -22.83
CA LEU B 46 14.72 -0.93 -22.96
C LEU B 46 14.02 -1.15 -21.63
N PRO B 47 13.25 -0.19 -21.14
CA PRO B 47 12.58 -0.37 -19.83
C PRO B 47 11.45 -1.38 -19.86
N ALA B 48 10.89 -1.67 -21.04
CA ALA B 48 9.72 -2.54 -21.15
C ALA B 48 8.61 -2.05 -20.23
N SER B 49 7.95 -2.97 -19.52
CA SER B 49 6.79 -2.60 -18.71
C SER B 49 7.17 -1.84 -17.44
N THR B 50 8.45 -1.68 -17.13
CA THR B 50 8.81 -0.77 -16.04
C THR B 50 8.54 0.68 -16.41
N PHE B 51 8.34 0.99 -17.68
CA PHE B 51 7.98 2.33 -18.10
C PHE B 51 6.56 2.68 -17.65
N KCX B 52 5.80 1.70 -17.21
CA KCX B 52 4.46 1.96 -16.69
CB KCX B 52 3.72 0.66 -16.40
CG KCX B 52 3.28 -0.06 -17.67
CD KCX B 52 2.37 -1.26 -17.39
CE KCX B 52 1.87 -1.88 -18.70
NZ KCX B 52 2.99 -2.42 -19.54
C KCX B 52 4.49 2.86 -15.45
O KCX B 52 3.49 3.46 -15.10
CX KCX B 52 3.48 -1.72 -20.55
OQ1 KCX B 52 3.01 -0.61 -20.83
OQ2 KCX B 52 4.41 -2.18 -21.23
N ILE B 53 5.65 2.95 -14.79
CA ILE B 53 5.76 3.85 -13.65
C ILE B 53 5.76 5.32 -14.12
N PRO B 54 6.71 5.75 -14.97
CA PRO B 54 6.62 7.12 -15.48
C PRO B 54 5.40 7.37 -16.34
N ASN B 55 4.98 6.37 -17.13
CA ASN B 55 3.79 6.53 -17.95
C ASN B 55 2.56 6.82 -17.09
N SER B 56 2.43 6.12 -15.96
CA SER B 56 1.32 6.39 -15.03
C SER B 56 1.41 7.80 -14.47
N LEU B 57 2.61 8.21 -14.05
CA LEU B 57 2.80 9.55 -13.49
C LEU B 57 2.36 10.62 -14.48
N ILE B 58 2.78 10.49 -15.73
CA ILE B 58 2.45 11.50 -16.73
C ILE B 58 0.95 11.48 -17.03
N ALA B 59 0.36 10.29 -17.16
CA ALA B 59 -1.07 10.20 -17.45
C ALA B 59 -1.90 10.80 -16.33
N LEU B 60 -1.51 10.58 -15.08
CA LEU B 60 -2.27 11.12 -13.97
C LEU B 60 -2.08 12.63 -13.87
N ASP B 61 -0.85 13.12 -14.05
CA ASP B 61 -0.60 14.54 -13.91
C ASP B 61 -1.27 15.35 -15.03
N LEU B 62 -1.47 14.75 -16.19
CA LEU B 62 -2.11 15.42 -17.31
C LEU B 62 -3.62 15.22 -17.35
N GLY B 63 -4.18 14.49 -16.39
CA GLY B 63 -5.60 14.21 -16.41
C GLY B 63 -6.04 13.15 -17.40
N VAL B 64 -5.09 12.50 -18.09
CA VAL B 64 -5.45 11.38 -18.95
C VAL B 64 -6.07 10.27 -18.13
N VAL B 65 -5.57 10.06 -16.91
CA VAL B 65 -6.17 9.17 -15.93
C VAL B 65 -6.68 10.03 -14.78
N LYS B 66 -7.99 9.92 -14.49
CA LYS B 66 -8.58 10.74 -13.44
C LYS B 66 -8.07 10.31 -12.06
N ASP B 67 -8.12 9.02 -11.78
CA ASP B 67 -7.63 8.46 -10.52
C ASP B 67 -7.43 6.97 -10.70
N GLU B 68 -7.00 6.31 -9.62
CA GLU B 68 -6.69 4.89 -9.66
C GLU B 68 -7.93 4.01 -9.76
N HIS B 69 -9.13 4.59 -9.67
CA HIS B 69 -10.37 3.84 -9.76
C HIS B 69 -11.04 3.93 -11.12
N GLN B 70 -10.60 4.84 -11.99
CA GLN B 70 -11.22 4.99 -13.29
C GLN B 70 -11.07 3.70 -14.10
N VAL B 71 -12.18 3.19 -14.59
CA VAL B 71 -12.21 1.91 -15.31
C VAL B 71 -11.92 2.19 -16.78
N PHE B 72 -11.00 1.41 -17.36
CA PHE B 72 -10.67 1.50 -18.78
C PHE B 72 -11.14 0.22 -19.44
N LYS B 73 -12.18 0.33 -20.26
CA LYS B 73 -12.86 -0.84 -20.80
C LYS B 73 -11.97 -1.60 -21.77
N TRP B 74 -12.15 -2.91 -21.81
CA TRP B 74 -11.48 -3.74 -22.80
C TRP B 74 -11.93 -3.34 -24.19
N ASP B 75 -10.97 -3.21 -25.12
CA ASP B 75 -11.28 -2.78 -26.47
C ASP B 75 -11.93 -3.87 -27.32
N GLY B 76 -12.17 -5.06 -26.75
CA GLY B 76 -12.81 -6.14 -27.47
C GLY B 76 -11.86 -7.04 -28.23
N GLN B 77 -10.62 -6.62 -28.45
CA GLN B 77 -9.65 -7.43 -29.18
C GLN B 77 -9.08 -8.47 -28.23
N THR B 78 -9.37 -9.75 -28.49
CA THR B 78 -8.86 -10.84 -27.68
C THR B 78 -7.36 -11.00 -27.93
N ARG B 79 -6.56 -10.86 -26.88
CA ARG B 79 -5.11 -10.98 -26.98
C ARG B 79 -4.64 -12.23 -26.25
N ASP B 80 -3.33 -12.50 -26.38
CA ASP B 80 -2.79 -13.78 -25.94
C ASP B 80 -2.72 -13.90 -24.42
N ILE B 81 -2.70 -12.80 -23.69
CA ILE B 81 -2.65 -12.82 -22.23
C ILE B 81 -4.07 -12.63 -21.71
N ALA B 82 -4.57 -13.62 -20.96
CA ALA B 82 -5.98 -13.65 -20.61
C ALA B 82 -6.36 -12.48 -19.72
N THR B 83 -5.49 -12.10 -18.78
CA THR B 83 -5.80 -11.00 -17.88
C THR B 83 -5.93 -9.67 -18.60
N TRP B 84 -5.46 -9.58 -19.85
CA TRP B 84 -5.59 -8.35 -20.63
C TRP B 84 -6.98 -8.19 -21.22
N ASN B 85 -7.74 -9.27 -21.34
CA ASN B 85 -9.05 -9.23 -22.01
C ASN B 85 -10.17 -8.97 -21.01
N ARG B 86 -10.07 -7.84 -20.33
CA ARG B 86 -11.06 -7.44 -19.34
C ARG B 86 -10.88 -5.96 -19.05
N ASP B 87 -11.84 -5.41 -18.30
CA ASP B 87 -11.75 -4.03 -17.86
C ASP B 87 -10.69 -3.88 -16.78
N HIS B 88 -10.04 -2.71 -16.76
CA HIS B 88 -8.96 -2.47 -15.83
C HIS B 88 -9.03 -1.04 -15.31
N ASN B 89 -8.54 -0.86 -14.09
CA ASN B 89 -8.19 0.46 -13.57
C ASN B 89 -6.67 0.57 -13.52
N LEU B 90 -6.17 1.69 -13.00
CA LEU B 90 -4.72 1.88 -12.94
C LEU B 90 -4.05 0.81 -12.09
N ILE B 91 -4.69 0.40 -11.00
CA ILE B 91 -4.10 -0.59 -10.10
C ILE B 91 -3.92 -1.92 -10.82
N THR B 92 -4.98 -2.42 -11.45
CA THR B 92 -4.90 -3.73 -12.08
C THR B 92 -4.13 -3.69 -13.40
N ALA B 93 -4.16 -2.55 -14.10
CA ALA B 93 -3.39 -2.44 -15.33
C ALA B 93 -1.89 -2.55 -15.05
N MET B 94 -1.43 -1.93 -13.97
CA MET B 94 -0.03 -2.06 -13.60
C MET B 94 0.27 -3.46 -13.09
N LYS B 95 -0.65 -4.03 -12.31
CA LYS B 95 -0.42 -5.35 -11.72
C LYS B 95 -0.26 -6.42 -12.79
N TYR B 96 -1.09 -6.38 -13.83
CA TYR B 96 -1.05 -7.37 -14.91
C TYR B 96 -0.30 -6.87 -16.15
N SER B 97 0.35 -5.71 -16.05
CA SER B 97 1.15 -5.15 -17.14
C SER B 97 0.35 -5.07 -18.44
N VAL B 98 -0.87 -4.54 -18.34
CA VAL B 98 -1.77 -4.48 -19.49
C VAL B 98 -1.28 -3.44 -20.47
N VAL B 99 -0.45 -3.88 -21.42
CA VAL B 99 0.14 -2.96 -22.40
C VAL B 99 -0.90 -2.15 -23.17
N PRO B 100 -1.96 -2.74 -23.72
CA PRO B 100 -2.89 -1.93 -24.53
C PRO B 100 -3.52 -0.78 -23.77
N VAL B 101 -3.72 -0.92 -22.46
CA VAL B 101 -4.24 0.18 -21.67
C VAL B 101 -3.24 1.33 -21.64
N TYR B 102 -1.96 1.02 -21.43
CA TYR B 102 -0.94 2.06 -21.35
C TYR B 102 -0.58 2.62 -22.72
N GLN B 103 -0.76 1.83 -23.79
CA GLN B 103 -0.62 2.37 -25.13
C GLN B 103 -1.68 3.41 -25.41
N GLU B 104 -2.89 3.19 -24.89
CA GLU B 104 -3.95 4.19 -24.98
C GLU B 104 -3.56 5.45 -24.20
N PHE B 105 -2.99 5.28 -23.00
CA PHE B 105 -2.51 6.44 -22.24
C PHE B 105 -1.48 7.23 -23.05
N ALA B 106 -0.51 6.53 -23.64
CA ALA B 106 0.59 7.21 -24.33
C ALA B 106 0.09 7.99 -25.53
N ARG B 107 -0.89 7.45 -26.25
CA ARG B 107 -1.45 8.15 -27.40
C ARG B 107 -2.13 9.45 -26.98
N GLN B 108 -2.83 9.44 -25.84
CA GLN B 108 -3.48 10.67 -25.38
C GLN B 108 -2.45 11.66 -24.85
N ILE B 109 -1.40 11.17 -24.19
CA ILE B 109 -0.32 12.05 -23.75
C ILE B 109 0.30 12.76 -24.95
N GLY B 110 0.59 12.01 -26.01
CA GLY B 110 1.21 12.55 -27.19
C GLY B 110 2.73 12.64 -27.06
N GLU B 111 3.39 12.65 -28.22
CA GLU B 111 4.85 12.62 -28.23
C GLU B 111 5.45 13.89 -27.63
N ALA B 112 4.82 15.05 -27.87
CA ALA B 112 5.39 16.30 -27.38
C ALA B 112 5.42 16.34 -25.86
N ARG B 113 4.28 16.02 -25.23
CA ARG B 113 4.24 16.06 -23.77
C ARG B 113 5.02 14.90 -23.16
N MET B 114 5.07 13.75 -23.84
CA MET B 114 5.86 12.64 -23.31
C MET B 114 7.34 12.97 -23.30
N SER B 115 7.84 13.63 -24.35
CA SER B 115 9.24 14.03 -24.40
C SER B 115 9.57 15.04 -23.31
N LYS B 116 8.72 16.06 -23.15
CA LYS B 116 8.95 17.08 -22.13
C LYS B 116 8.98 16.47 -20.74
N MET B 117 8.07 15.55 -20.45
CA MET B 117 7.99 14.97 -19.11
C MET B 117 9.18 14.06 -18.82
N LEU B 118 9.58 13.24 -19.79
CA LEU B 118 10.72 12.36 -19.57
C LEU B 118 12.00 13.16 -19.37
N HIS B 119 12.13 14.30 -20.07
CA HIS B 119 13.26 15.19 -19.81
C HIS B 119 13.19 15.77 -18.41
N ALA B 120 12.00 16.18 -17.97
CA ALA B 120 11.84 16.68 -16.61
C ALA B 120 12.11 15.59 -15.57
N PHE B 121 11.80 14.33 -15.92
CA PHE B 121 12.07 13.21 -15.03
C PHE B 121 13.54 12.78 -15.03
N ASP B 122 14.34 13.27 -15.98
CA ASP B 122 15.73 12.83 -16.15
C ASP B 122 15.78 11.31 -16.37
N TYR B 123 14.80 10.80 -17.11
CA TYR B 123 14.55 9.36 -17.21
C TYR B 123 15.38 8.76 -18.34
N GLY B 124 16.41 7.99 -17.97
CA GLY B 124 17.22 7.30 -18.97
C GLY B 124 17.82 8.26 -19.96
N ASN B 125 17.87 7.84 -21.23
CA ASN B 125 18.35 8.70 -22.29
C ASN B 125 17.27 9.64 -22.83
N GLU B 126 16.07 9.62 -22.25
CA GLU B 126 14.99 10.55 -22.54
C GLU B 126 14.60 10.55 -24.01
N ASP B 127 14.85 9.43 -24.70
CA ASP B 127 14.60 9.29 -26.12
C ASP B 127 13.29 8.55 -26.33
N ILE B 128 12.37 9.15 -27.08
CA ILE B 128 11.08 8.51 -27.37
C ILE B 128 10.95 8.18 -28.86
N SER B 129 12.07 8.09 -29.58
CA SER B 129 12.02 7.78 -31.00
C SER B 129 11.27 6.47 -31.24
N GLY B 130 10.51 6.44 -32.33
CA GLY B 130 9.56 5.38 -32.58
C GLY B 130 8.14 5.85 -32.35
N ASN B 131 7.24 4.89 -32.19
CA ASN B 131 5.85 5.20 -31.92
C ASN B 131 5.69 5.65 -30.47
N VAL B 132 4.86 6.67 -30.26
CA VAL B 132 4.63 7.16 -28.91
C VAL B 132 3.97 6.11 -28.03
N ASP B 133 3.32 5.11 -28.64
CA ASP B 133 2.63 4.08 -27.88
C ASP B 133 3.38 2.74 -27.91
N SER B 134 4.68 2.75 -28.19
CA SER B 134 5.44 1.50 -28.18
C SER B 134 6.94 1.74 -28.03
N PHE B 135 7.35 2.99 -27.83
CA PHE B 135 8.80 3.27 -27.81
C PHE B 135 9.50 2.59 -26.63
N TRP B 136 8.78 2.34 -25.54
CA TRP B 136 9.38 1.63 -24.41
C TRP B 136 9.45 0.13 -24.64
N LEU B 137 8.83 -0.38 -25.70
CA LEU B 137 8.91 -1.78 -26.08
C LEU B 137 9.84 -2.05 -27.25
N ASP B 138 9.90 -1.14 -28.22
CA ASP B 138 10.77 -1.36 -29.38
C ASP B 138 11.32 -0.06 -29.96
N GLY B 139 11.38 1.02 -29.18
CA GLY B 139 11.88 2.29 -29.63
C GLY B 139 13.29 2.57 -29.16
N GLY B 140 13.61 3.84 -28.99
CA GLY B 140 14.95 4.28 -28.64
C GLY B 140 15.21 4.56 -27.19
N ILE B 141 14.21 4.43 -26.31
CA ILE B 141 14.41 4.73 -24.90
C ILE B 141 15.29 3.65 -24.27
N ARG B 142 16.27 4.07 -23.48
CA ARG B 142 17.17 3.17 -22.79
C ARG B 142 17.39 3.69 -21.38
N ILE B 143 17.36 2.79 -20.41
CA ILE B 143 17.59 3.13 -19.01
C ILE B 143 18.37 2.02 -18.34
N SER B 144 19.26 2.38 -17.44
CA SER B 144 20.08 1.42 -16.72
C SER B 144 19.48 1.16 -15.34
N ALA B 145 19.99 0.12 -14.68
CA ALA B 145 19.52 -0.21 -13.34
C ALA B 145 19.79 0.92 -12.36
N THR B 146 20.97 1.53 -12.43
CA THR B 146 21.25 2.65 -11.55
C THR B 146 20.38 3.86 -11.88
N GLU B 147 20.07 4.07 -13.16
CA GLU B 147 19.18 5.16 -13.53
C GLU B 147 17.75 4.89 -13.05
N GLN B 148 17.34 3.62 -13.03
CA GLN B 148 16.05 3.28 -12.43
C GLN B 148 16.03 3.63 -10.94
N ILE B 149 17.14 3.39 -10.24
CA ILE B 149 17.21 3.74 -8.82
C ILE B 149 17.06 5.24 -8.64
N SER B 150 17.81 6.03 -9.42
CA SER B 150 17.73 7.48 -9.29
C SER B 150 16.31 7.98 -9.53
N PHE B 151 15.62 7.41 -10.52
CA PHE B 151 14.25 7.79 -10.77
C PHE B 151 13.33 7.36 -9.62
N LEU B 152 13.49 6.13 -9.15
CA LEU B 152 12.65 5.65 -8.06
C LEU B 152 12.88 6.41 -6.76
N ARG B 153 14.13 6.83 -6.51
CA ARG B 153 14.41 7.60 -5.31
C ARG B 153 13.69 8.94 -5.33
N LYS B 154 13.65 9.59 -6.49
CA LYS B 154 12.91 10.84 -6.60
C LYS B 154 11.42 10.61 -6.40
N LEU B 155 10.89 9.51 -6.96
CA LEU B 155 9.47 9.19 -6.78
C LEU B 155 9.15 8.94 -5.32
N TYR B 156 10.03 8.21 -4.62
CA TYR B 156 9.80 7.93 -3.20
C TYR B 156 9.71 9.22 -2.40
N HIS B 157 10.58 10.18 -2.68
CA HIS B 157 10.62 11.44 -1.95
C HIS B 157 9.70 12.51 -2.53
N ASN B 158 8.85 12.16 -3.49
CA ASN B 158 7.93 13.10 -4.13
C ASN B 158 8.67 14.26 -4.79
N LYS B 159 9.87 14.01 -5.30
CA LYS B 159 10.69 15.07 -5.88
C LYS B 159 10.59 15.15 -7.39
N LEU B 160 9.80 14.30 -8.03
CA LEU B 160 9.64 14.38 -9.47
C LEU B 160 8.81 15.61 -9.85
N HIS B 161 9.00 16.08 -11.08
CA HIS B 161 8.32 17.28 -11.54
C HIS B 161 6.87 17.00 -11.90
N VAL B 162 6.14 16.35 -10.99
CA VAL B 162 4.70 16.16 -11.10
C VAL B 162 4.10 16.46 -9.73
N SER B 163 2.78 16.51 -9.68
CA SER B 163 2.10 16.76 -8.43
C SER B 163 2.39 15.65 -7.43
N GLU B 164 2.37 16.00 -6.14
CA GLU B 164 2.52 14.98 -5.11
C GLU B 164 1.42 13.93 -5.21
N ARG B 165 0.21 14.34 -5.59
CA ARG B 165 -0.90 13.40 -5.71
C ARG B 165 -0.60 12.31 -6.75
N SER B 166 -0.09 12.70 -7.92
CA SER B 166 0.25 11.73 -8.94
C SER B 166 1.28 10.73 -8.43
N GLN B 167 2.28 11.21 -7.68
CA GLN B 167 3.32 10.33 -7.19
C GLN B 167 2.78 9.40 -6.10
N ARG B 168 1.88 9.89 -5.26
CA ARG B 168 1.30 9.03 -4.23
C ARG B 168 0.42 7.95 -4.86
N ILE B 169 -0.34 8.29 -5.90
CA ILE B 169 -1.19 7.30 -6.55
C ILE B 169 -0.35 6.23 -7.22
N VAL B 170 0.73 6.62 -7.89
CA VAL B 170 1.57 5.65 -8.58
C VAL B 170 2.27 4.74 -7.57
N LYS B 171 2.77 5.31 -6.47
CA LYS B 171 3.39 4.48 -5.45
C LYS B 171 2.39 3.51 -4.85
N GLN B 172 1.12 3.92 -4.73
CA GLN B 172 0.09 2.98 -4.29
C GLN B 172 -0.11 1.88 -5.33
N ALA B 173 -0.15 2.24 -6.61
CA ALA B 173 -0.33 1.26 -7.67
C ALA B 173 0.85 0.31 -7.80
N MET B 174 2.04 0.71 -7.34
CA MET B 174 3.21 -0.16 -7.36
C MET B 174 3.19 -1.21 -6.25
N LEU B 175 2.25 -1.14 -5.32
CA LEU B 175 2.20 -2.10 -4.23
C LEU B 175 2.16 -3.52 -4.76
N THR B 176 3.13 -4.33 -4.36
CA THR B 176 3.24 -5.71 -4.82
C THR B 176 3.08 -6.72 -3.70
N GLU B 177 3.69 -6.47 -2.55
CA GLU B 177 3.64 -7.40 -1.43
C GLU B 177 3.82 -6.62 -0.14
N ALA B 178 3.14 -7.07 0.92
CA ALA B 178 3.23 -6.42 2.21
C ALA B 178 2.86 -7.41 3.30
N ASN B 179 3.66 -7.45 4.36
CA ASN B 179 3.35 -8.22 5.55
C ASN B 179 3.90 -7.47 6.75
N GLY B 180 3.97 -8.15 7.89
CA GLY B 180 4.51 -7.53 9.08
C GLY B 180 5.99 -7.24 9.03
N ASP B 181 6.71 -7.77 8.03
CA ASP B 181 8.16 -7.62 7.94
C ASP B 181 8.59 -6.55 6.97
N TYR B 182 7.89 -6.39 5.86
CA TYR B 182 8.32 -5.44 4.83
C TYR B 182 7.17 -5.10 3.92
N ILE B 183 7.37 -4.05 3.12
CA ILE B 183 6.47 -3.66 2.05
C ILE B 183 7.31 -3.56 0.78
N ILE B 184 6.83 -4.18 -0.30
CA ILE B 184 7.50 -4.10 -1.60
C ILE B 184 6.61 -3.33 -2.55
N ARG B 185 7.12 -2.21 -3.06
CA ARG B 185 6.51 -1.48 -4.16
C ARG B 185 7.42 -1.62 -5.36
N ALA B 186 6.93 -2.25 -6.43
CA ALA B 186 7.80 -2.61 -7.53
C ALA B 186 7.01 -2.72 -8.81
N LYS B 187 7.75 -2.91 -9.91
CA LYS B 187 7.15 -3.08 -11.23
C LYS B 187 7.99 -4.06 -12.02
N THR B 188 7.35 -5.07 -12.60
CA THR B 188 8.03 -6.03 -13.45
C THR B 188 8.16 -5.49 -14.86
N GLY B 189 9.08 -6.09 -15.61
CA GLY B 189 9.28 -5.73 -17.00
C GLY B 189 9.84 -6.89 -17.80
N TYR B 190 9.43 -7.00 -19.07
CA TYR B 190 9.87 -8.09 -19.94
C TYR B 190 10.06 -7.51 -21.33
N SER B 191 11.32 -7.35 -21.74
CA SER B 191 11.66 -6.81 -23.04
C SER B 191 11.94 -7.97 -24.01
N THR B 192 11.10 -8.11 -25.03
CA THR B 192 11.22 -9.20 -25.99
C THR B 192 11.40 -8.75 -27.42
N ARG B 193 10.96 -7.53 -27.77
CA ARG B 193 10.93 -7.14 -29.18
C ARG B 193 12.32 -6.86 -29.73
N ILE B 194 13.23 -6.37 -28.90
CA ILE B 194 14.60 -6.05 -29.32
C ILE B 194 15.57 -6.84 -28.46
N GLU B 195 16.57 -7.44 -29.10
CA GLU B 195 17.60 -8.15 -28.37
C GLU B 195 18.50 -7.16 -27.62
N PRO B 196 19.02 -7.54 -26.44
CA PRO B 196 18.80 -8.86 -25.82
C PRO B 196 17.49 -8.94 -25.04
N LYS B 197 16.85 -10.11 -25.10
CA LYS B 197 15.64 -10.33 -24.33
C LYS B 197 15.98 -10.38 -22.84
N ILE B 198 15.40 -9.45 -22.07
CA ILE B 198 15.71 -9.34 -20.65
C ILE B 198 14.42 -9.16 -19.86
N GLY B 199 14.51 -9.48 -18.57
CA GLY B 199 13.41 -9.25 -17.65
C GLY B 199 13.85 -8.26 -16.58
N TRP B 200 12.92 -7.41 -16.16
CA TRP B 200 13.18 -6.35 -15.19
C TRP B 200 12.42 -6.61 -13.91
N TRP B 201 12.95 -6.09 -12.79
CA TRP B 201 12.16 -5.88 -11.59
C TRP B 201 12.80 -4.71 -10.83
N VAL B 202 12.08 -3.61 -10.73
CA VAL B 202 12.57 -2.39 -10.09
C VAL B 202 11.57 -1.95 -9.04
N GLY B 203 12.09 -1.37 -7.96
CA GLY B 203 11.22 -0.89 -6.90
C GLY B 203 12.01 -0.63 -5.62
N TRP B 204 11.34 -0.84 -4.50
CA TRP B 204 12.02 -0.68 -3.22
C TRP B 204 11.31 -1.52 -2.17
N VAL B 205 12.06 -1.81 -1.10
CA VAL B 205 11.55 -2.53 0.05
C VAL B 205 11.52 -1.56 1.23
N GLU B 206 10.32 -1.33 1.76
CA GLU B 206 10.14 -0.45 2.91
C GLU B 206 10.24 -1.26 4.19
N LEU B 207 11.15 -0.87 5.07
CA LEU B 207 11.28 -1.43 6.40
C LEU B 207 10.79 -0.42 7.42
N ASP B 208 10.85 -0.80 8.70
CA ASP B 208 10.39 0.08 9.76
C ASP B 208 11.22 1.36 9.80
N ASP B 209 12.54 1.25 9.69
CA ASP B 209 13.43 2.39 9.85
C ASP B 209 14.36 2.60 8.67
N ASN B 210 14.05 1.99 7.52
CA ASN B 210 14.91 2.12 6.36
C ASN B 210 14.12 1.76 5.11
N VAL B 211 14.67 2.16 3.95
CA VAL B 211 14.12 1.80 2.65
C VAL B 211 15.27 1.33 1.78
N TRP B 212 15.10 0.17 1.17
CA TRP B 212 16.09 -0.41 0.26
C TRP B 212 15.53 -0.36 -1.15
N PHE B 213 16.06 0.54 -1.97
CA PHE B 213 15.71 0.57 -3.38
C PHE B 213 16.42 -0.55 -4.11
N PHE B 214 15.74 -1.16 -5.08
CA PHE B 214 16.37 -2.21 -5.87
C PHE B 214 16.01 -2.04 -7.33
N ALA B 215 16.95 -2.42 -8.19
CA ALA B 215 16.71 -2.48 -9.62
C ALA B 215 17.49 -3.67 -10.16
N MET B 216 16.78 -4.61 -10.76
CA MET B 216 17.41 -5.80 -11.30
C MET B 216 16.97 -6.03 -12.74
N ASN B 217 17.88 -6.59 -13.53
CA ASN B 217 17.52 -7.12 -14.83
C ASN B 217 18.38 -8.35 -15.10
N MET B 218 17.87 -9.24 -15.96
CA MET B 218 18.56 -10.49 -16.23
C MET B 218 18.20 -10.95 -17.63
N ASP B 219 19.06 -11.77 -18.21
CA ASP B 219 18.78 -12.36 -19.51
C ASP B 219 17.58 -13.28 -19.42
N MET B 220 16.64 -13.12 -20.34
CA MET B 220 15.38 -13.86 -20.33
C MET B 220 15.10 -14.39 -21.72
N PRO B 221 15.78 -15.47 -22.14
CA PRO B 221 15.53 -16.02 -23.47
C PRO B 221 14.13 -16.58 -23.64
N THR B 222 13.55 -17.14 -22.59
CA THR B 222 12.20 -17.68 -22.63
C THR B 222 11.39 -17.10 -21.48
N SER B 223 10.06 -17.12 -21.64
CA SER B 223 9.18 -16.62 -20.60
C SER B 223 9.08 -17.55 -19.40
N ASP B 224 9.67 -18.75 -19.48
CA ASP B 224 9.58 -19.71 -18.39
C ASP B 224 10.37 -19.28 -17.16
N GLY B 225 11.40 -18.46 -17.33
CA GLY B 225 12.20 -17.99 -16.22
C GLY B 225 11.78 -16.66 -15.63
N LEU B 226 10.57 -16.19 -15.96
CA LEU B 226 10.15 -14.87 -15.50
C LEU B 226 10.04 -14.80 -13.98
N GLY B 227 9.69 -15.92 -13.33
CA GLY B 227 9.61 -15.94 -11.89
C GLY B 227 10.94 -15.79 -11.19
N LEU B 228 12.04 -15.98 -11.92
CA LEU B 228 13.37 -15.83 -11.33
C LEU B 228 13.70 -14.37 -11.01
N ARG B 229 12.98 -13.42 -11.61
CA ARG B 229 13.23 -12.01 -11.31
C ARG B 229 13.00 -11.73 -9.83
N GLN B 230 11.84 -12.13 -9.32
CA GLN B 230 11.54 -11.94 -7.90
C GLN B 230 12.32 -12.92 -7.02
N ALA B 231 12.52 -14.14 -7.49
CA ALA B 231 13.18 -15.16 -6.66
C ALA B 231 14.64 -14.79 -6.41
N ILE B 232 15.37 -14.42 -7.47
CA ILE B 232 16.78 -14.05 -7.30
C ILE B 232 16.91 -12.77 -6.49
N THR B 233 16.03 -11.80 -6.74
CA THR B 233 16.06 -10.57 -5.94
C THR B 233 15.81 -10.85 -4.47
N LYS B 234 14.83 -11.71 -4.16
CA LYS B 234 14.54 -12.00 -2.76
C LYS B 234 15.66 -12.80 -2.10
N GLU B 235 16.35 -13.64 -2.86
CA GLU B 235 17.51 -14.34 -2.32
C GLU B 235 18.62 -13.36 -1.94
N VAL B 236 18.82 -12.33 -2.76
CA VAL B 236 19.81 -11.31 -2.42
C VAL B 236 19.35 -10.53 -1.19
N LEU B 237 18.06 -10.19 -1.14
CA LEU B 237 17.53 -9.47 0.03
C LEU B 237 17.65 -10.31 1.29
N LYS B 238 17.47 -11.63 1.17
CA LYS B 238 17.59 -12.51 2.34
C LYS B 238 19.03 -12.62 2.80
N GLN B 239 19.98 -12.75 1.85
CA GLN B 239 21.38 -12.83 2.21
C GLN B 239 21.85 -11.56 2.90
N GLU B 240 21.35 -10.41 2.45
CA GLU B 240 21.72 -9.13 3.04
C GLU B 240 20.92 -8.81 4.30
N LYS B 241 20.12 -9.75 4.80
CA LYS B 241 19.32 -9.57 6.01
C LYS B 241 18.33 -8.42 5.89
N ILE B 242 17.92 -8.10 4.66
CA ILE B 242 16.91 -7.07 4.46
C ILE B 242 15.51 -7.62 4.72
N ILE B 243 15.25 -8.84 4.24
CA ILE B 243 13.99 -9.53 4.53
C ILE B 243 14.34 -10.88 5.15
N PRO B 244 13.50 -11.39 6.07
CA PRO B 244 13.77 -12.71 6.68
C PRO B 244 13.64 -13.84 5.67
S1 3I0 C . -1.33 -5.52 26.33
C2 3I0 C . -2.14 -1.98 24.62
C3 3I0 C . -1.78 -2.95 25.51
C5 3I0 C . -2.21 -4.67 23.90
C6 3I0 C . -2.59 -3.70 22.95
C9 3I0 C . -3.39 -1.80 21.05
N 3I0 C . -2.99 -0.02 22.59
C 3I0 C . -2.98 -1.37 22.32
O 3I0 C . -5.36 -3.81 19.19
C1 3I0 C . -2.57 -2.33 23.30
C4 3I0 C . -1.81 -4.29 25.16
C7 3I0 C . -3.02 -4.08 21.65
C8 3I0 C . -3.39 -3.14 20.74
O1 3I0 C . -3.22 -4.91 18.86
O2 3I0 C . -3.51 -2.59 18.22
O3 3I0 C . -0.69 -6.61 25.56
O4 3I0 C . -2.55 -5.97 26.97
O5 3I0 C . -0.40 -4.88 27.24
O6 3I0 C . -2.08 -0.67 24.98
S 3I0 C . -3.91 -3.66 19.12
C1 EDO D . -19.11 7.63 -0.96
O1 EDO D . -19.57 7.34 0.36
C2 EDO D . -20.03 6.99 -1.99
O2 EDO D . -19.47 7.12 -3.30
S DMS E . -4.97 0.54 26.60
O DMS E . -3.95 1.57 26.22
C1 DMS E . -5.23 -0.58 25.19
C2 DMS E . -6.61 1.31 26.62
C1 EDO F . 1.21 -4.22 19.10
O1 EDO F . 0.74 -3.85 20.40
C2 EDO F . 2.61 -3.65 18.88
O2 EDO F . 3.56 -4.46 19.59
CL CL G . -0.21 1.62 -0.31
CL CL H . -11.43 -15.35 23.66
S1 3I0 I . 4.36 -13.63 -22.78
C2 3I0 I . 4.30 -9.63 -22.53
C3 3I0 I . 4.21 -10.91 -22.99
C5 3I0 I . 4.82 -11.78 -20.84
C6 3I0 I . 4.92 -10.47 -20.32
C9 3I0 I . 5.15 -7.88 -19.28
N 3I0 I . 4.53 -6.93 -21.39
C 3I0 I . 4.78 -8.05 -20.63
O 3I0 I . 7.24 -8.25 -16.83
C1 3I0 I . 4.66 -9.37 -21.17
C4 3I0 I . 4.48 -11.98 -22.16
C7 3I0 I . 5.29 -10.25 -18.97
C8 3I0 I . 5.40 -8.98 -18.49
O1 3I0 I . 5.75 -10.03 -16.16
O2 3I0 I . 4.94 -7.76 -16.26
O3 3I0 I . 3.18 -13.68 -23.61
O4 3I0 I . 5.59 -13.88 -23.49
O5 3I0 I . 4.24 -14.52 -21.60
O6 3I0 I . 4.04 -8.58 -23.36
S 3I0 I . 5.87 -8.74 -16.80
C1 EDO J . -0.22 17.95 -26.65
O1 EDO J . -1.41 18.74 -26.51
C2 EDO J . 0.97 18.83 -27.00
O2 EDO J . 1.25 19.75 -25.95
S DMS K . 1.18 -10.47 -16.70
O DMS K . 1.92 -11.16 -17.81
C1 DMS K . 2.08 -10.70 -15.14
C2 DMS K . -0.34 -11.38 -16.34
C1 EDO L . 5.93 -6.85 -25.80
O1 EDO L . 4.55 -7.00 -25.48
C2 EDO L . 6.80 -7.36 -24.65
O2 EDO L . 8.18 -7.16 -24.97
#